data_3N38
#
_entry.id   3N38
#
_cell.length_a   79.137
_cell.length_b   79.137
_cell.length_c   267.981
_cell.angle_alpha   90.000
_cell.angle_beta   90.000
_cell.angle_gamma   120.000
#
_symmetry.space_group_name_H-M   'P 65 2 2'
#
loop_
_entity.id
_entity.type
_entity.pdbx_description
1 polymer 'Ribonucleoside-diphosphate reductase 2 subunit beta'
2 non-polymer 'FE (II) ION'
3 water water
#
_entity_poly.entity_id   1
_entity_poly.type   'polypeptide(L)'
_entity_poly.pdbx_seq_one_letter_code
;MKLSRISAINWNKISDDKDLEVWNRLTSNFWLPEKVPLSNDIPAWQTLTVVEQQLTMRVFTGLTLLDTLQNVIGAPSLMP
DALTPHEEAVLSNISFMEAVHARSYSSIFSTLCQTKDVDAAYAWSEENAPLQRKAQIIQQHYRGDDPLKKKIASVFLESF
LFYSGFWLPMYFSSRGKLTNTADLIRLIIRDEAVHGYYIGYKYQKNMEKISLGQREELKSFAFDLLLELYDNELQYTDEL
YAETPWADDVKAFLCYNANKALMNLGYEPLFPAEMAEVNPAILAALSPNADENHDFFSGSGSSYVMGKAVETEDEDWNF
;
_entity_poly.pdbx_strand_id   A
#
loop_
_chem_comp.id
_chem_comp.type
_chem_comp.name
_chem_comp.formula
FE2 non-polymer 'FE (II) ION' 'Fe 2'
#
# COMPACT_ATOMS: atom_id res chain seq x y z
N ILE A 6 18.40 21.98 -16.97
CA ILE A 6 17.56 20.87 -17.56
C ILE A 6 18.11 20.34 -18.90
N SER A 7 18.35 19.03 -18.93
CA SER A 7 18.88 18.35 -20.12
C SER A 7 17.95 17.22 -20.57
N ALA A 8 17.93 16.98 -21.87
CA ALA A 8 17.20 15.84 -22.43
C ALA A 8 17.70 14.54 -21.79
N ILE A 9 16.75 13.74 -21.31
CA ILE A 9 17.09 12.46 -20.67
C ILE A 9 17.63 11.49 -21.73
N ASN A 10 18.56 10.65 -21.32
CA ASN A 10 19.13 9.66 -22.20
C ASN A 10 19.01 8.26 -21.59
N TRP A 11 18.12 7.45 -22.14
CA TRP A 11 17.91 6.09 -21.61
C TRP A 11 18.94 5.07 -22.07
N ASN A 12 19.90 5.52 -22.90
CA ASN A 12 21.01 4.67 -23.33
C ASN A 12 22.28 4.97 -22.53
N LYS A 13 22.15 5.81 -21.51
CA LYS A 13 23.22 6.06 -20.54
C LYS A 13 22.65 5.89 -19.14
N ILE A 14 22.34 4.64 -18.80
CA ILE A 14 21.74 4.27 -17.53
C ILE A 14 22.86 4.19 -16.48
N SER A 15 22.71 4.93 -15.39
CA SER A 15 23.72 4.86 -14.33
C SER A 15 23.40 3.78 -13.28
N ASP A 16 22.12 3.42 -13.15
CA ASP A 16 21.73 2.30 -12.30
C ASP A 16 20.73 1.41 -13.04
N ASP A 17 21.18 0.21 -13.40
CA ASP A 17 20.37 -0.77 -14.15
C ASP A 17 18.99 -0.99 -13.51
N LYS A 18 18.92 -0.87 -12.19
CA LYS A 18 17.68 -1.05 -11.46
C LYS A 18 16.58 -0.09 -11.95
N ASP A 19 16.97 1.14 -12.31
CA ASP A 19 16.02 2.13 -12.82
C ASP A 19 15.32 1.63 -14.07
N LEU A 20 16.09 1.07 -15.00
CA LEU A 20 15.53 0.56 -16.25
C LEU A 20 14.68 -0.70 -16.01
N GLU A 21 15.17 -1.58 -15.13
CA GLU A 21 14.43 -2.78 -14.77
C GLU A 21 13.04 -2.45 -14.20
N VAL A 22 12.99 -1.50 -13.28
CA VAL A 22 11.74 -1.10 -12.63
C VAL A 22 10.85 -0.30 -13.59
N TRP A 23 11.43 0.62 -14.35
CA TRP A 23 10.69 1.29 -15.44
C TRP A 23 9.97 0.25 -16.30
N ASN A 24 10.71 -0.75 -16.77
CA ASN A 24 10.15 -1.79 -17.62
C ASN A 24 9.08 -2.63 -16.94
N ARG A 25 9.32 -3.00 -15.69
CA ARG A 25 8.36 -3.80 -14.94
C ARG A 25 7.03 -3.05 -14.77
N LEU A 26 7.11 -1.81 -14.31
CA LEU A 26 5.91 -1.04 -14.00
C LEU A 26 5.10 -0.65 -15.23
N THR A 27 5.78 -0.20 -16.28
CA THR A 27 5.10 0.20 -17.50
C THR A 27 4.47 -0.99 -18.23
N SER A 28 5.16 -2.13 -18.25
N SER A 28 5.19 -2.11 -18.25
CA SER A 28 4.61 -3.33 -18.88
CA SER A 28 4.68 -3.36 -18.82
C SER A 28 3.52 -4.00 -18.02
C SER A 28 3.41 -3.79 -18.09
N ASN A 29 3.37 -3.54 -16.78
CA ASN A 29 2.24 -3.96 -15.92
C ASN A 29 1.08 -2.97 -15.93
N PHE A 30 1.05 -2.04 -16.89
CA PHE A 30 -0.02 -1.06 -16.97
C PHE A 30 -1.39 -1.74 -17.05
N TRP A 31 -2.37 -1.22 -16.32
CA TRP A 31 -3.74 -1.71 -16.37
C TRP A 31 -4.70 -0.57 -16.04
N LEU A 32 -5.98 -0.75 -16.35
CA LEU A 32 -7.03 0.17 -15.95
C LEU A 32 -8.21 -0.64 -15.42
N PRO A 33 -9.00 -0.06 -14.50
CA PRO A 33 -10.09 -0.86 -13.91
C PRO A 33 -11.13 -1.33 -14.94
N GLU A 34 -11.26 -0.60 -16.05
CA GLU A 34 -12.18 -0.98 -17.13
C GLU A 34 -11.82 -2.31 -17.76
N LYS A 35 -10.56 -2.71 -17.65
CA LYS A 35 -10.09 -4.01 -18.16
C LYS A 35 -10.58 -5.20 -17.33
N VAL A 36 -11.06 -4.94 -16.13
CA VAL A 36 -11.55 -6.00 -15.24
C VAL A 36 -13.07 -6.04 -15.34
N PRO A 37 -13.66 -7.23 -15.59
CA PRO A 37 -15.13 -7.32 -15.68
C PRO A 37 -15.78 -7.30 -14.29
N LEU A 38 -15.72 -6.15 -13.63
CA LEU A 38 -16.23 -5.99 -12.27
C LEU A 38 -17.71 -6.34 -12.14
N SER A 39 -18.49 -6.06 -13.18
CA SER A 39 -19.95 -6.28 -13.15
C SER A 39 -20.34 -7.75 -12.92
N ASN A 40 -19.42 -8.67 -13.23
CA ASN A 40 -19.61 -10.08 -12.92
C ASN A 40 -19.59 -10.41 -11.43
N ASP A 41 -19.25 -9.42 -10.60
CA ASP A 41 -19.26 -9.61 -9.15
C ASP A 41 -20.61 -9.25 -8.52
N ILE A 42 -21.55 -8.73 -9.31
CA ILE A 42 -22.85 -8.31 -8.77
C ILE A 42 -23.61 -9.45 -8.04
N PRO A 43 -23.67 -10.65 -8.64
CA PRO A 43 -24.31 -11.79 -7.93
C PRO A 43 -23.67 -12.11 -6.58
N ALA A 44 -22.34 -12.25 -6.53
CA ALA A 44 -21.65 -12.51 -5.26
C ALA A 44 -21.89 -11.40 -4.23
N TRP A 45 -21.85 -10.15 -4.69
CA TRP A 45 -22.13 -9.01 -3.84
C TRP A 45 -23.48 -9.15 -3.14
N GLN A 46 -24.49 -9.61 -3.87
CA GLN A 46 -25.84 -9.78 -3.32
C GLN A 46 -25.90 -10.81 -2.20
N THR A 47 -24.96 -11.75 -2.20
CA THR A 47 -24.93 -12.82 -1.18
C THR A 47 -24.27 -12.40 0.12
N LEU A 48 -23.60 -11.23 0.11
CA LEU A 48 -22.98 -10.71 1.32
C LEU A 48 -24.03 -10.12 2.25
N THR A 49 -23.77 -10.20 3.55
CA THR A 49 -24.63 -9.56 4.54
C THR A 49 -24.45 -8.05 4.50
N VAL A 50 -25.42 -7.32 5.06
CA VAL A 50 -25.34 -5.85 5.14
C VAL A 50 -24.07 -5.39 5.90
N VAL A 51 -23.73 -6.12 6.97
CA VAL A 51 -22.52 -5.87 7.74
C VAL A 51 -21.24 -6.08 6.90
N GLU A 52 -21.21 -7.17 6.14
CA GLU A 52 -20.07 -7.48 5.26
C GLU A 52 -19.93 -6.45 4.13
N GLN A 53 -21.06 -6.02 3.56
CA GLN A 53 -21.09 -4.99 2.51
C GLN A 53 -20.56 -3.65 3.03
N GLN A 54 -20.96 -3.29 4.25
CA GLN A 54 -20.51 -2.05 4.89
C GLN A 54 -19.02 -2.07 5.16
N LEU A 55 -18.54 -3.20 5.69
CA LEU A 55 -17.11 -3.43 5.90
C LEU A 55 -16.31 -3.22 4.62
N THR A 56 -16.79 -3.80 3.52
CA THR A 56 -16.09 -3.69 2.25
C THR A 56 -15.95 -2.24 1.79
N MET A 57 -17.05 -1.49 1.85
CA MET A 57 -17.02 -0.09 1.42
C MET A 57 -16.13 0.78 2.31
N ARG A 58 -16.17 0.53 3.62
CA ARG A 58 -15.28 1.22 4.56
C ARG A 58 -13.80 0.91 4.33
N VAL A 59 -13.50 -0.38 4.16
CA VAL A 59 -12.15 -0.80 3.80
C VAL A 59 -11.67 -0.07 2.54
N PHE A 60 -12.50 -0.09 1.50
CA PHE A 60 -12.08 0.46 0.21
C PHE A 60 -11.87 1.97 0.21
N THR A 61 -12.68 2.70 0.99
CA THR A 61 -12.47 4.15 1.08
C THR A 61 -11.15 4.46 1.79
N GLY A 62 -10.78 3.63 2.76
CA GLY A 62 -9.50 3.78 3.47
C GLY A 62 -8.33 3.57 2.52
N LEU A 63 -8.44 2.58 1.65
CA LEU A 63 -7.41 2.31 0.64
C LEU A 63 -7.33 3.46 -0.38
N THR A 64 -8.48 4.01 -0.74
CA THR A 64 -8.55 5.16 -1.67
C THR A 64 -7.81 6.38 -1.12
N LEU A 65 -8.03 6.66 0.16
CA LEU A 65 -7.33 7.75 0.83
C LEU A 65 -5.82 7.59 0.71
N LEU A 66 -5.32 6.39 1.02
CA LEU A 66 -3.87 6.14 0.97
C LEU A 66 -3.29 6.25 -0.45
N ASP A 67 -4.00 5.74 -1.46
CA ASP A 67 -3.58 5.90 -2.85
C ASP A 67 -3.59 7.35 -3.29
N THR A 68 -4.63 8.09 -2.89
CA THR A 68 -4.73 9.51 -3.17
C THR A 68 -3.53 10.21 -2.54
N LEU A 69 -3.26 9.93 -1.26
CA LEU A 69 -2.07 10.47 -0.58
C LEU A 69 -0.76 10.20 -1.34
N GLN A 70 -0.58 8.96 -1.78
CA GLN A 70 0.65 8.57 -2.45
C GLN A 70 0.77 9.25 -3.83
N ASN A 71 -0.37 9.42 -4.50
CA ASN A 71 -0.40 10.11 -5.80
C ASN A 71 -0.08 11.60 -5.68
N VAL A 72 -0.77 12.28 -4.74
CA VAL A 72 -0.71 13.74 -4.64
C VAL A 72 0.54 14.18 -3.88
N ILE A 73 0.89 13.43 -2.84
CA ILE A 73 1.95 13.87 -1.92
C ILE A 73 3.19 12.97 -1.93
N GLY A 74 2.96 11.66 -1.77
CA GLY A 74 4.02 10.68 -1.54
C GLY A 74 5.07 10.59 -2.64
N ALA A 75 4.68 10.06 -3.80
CA ALA A 75 5.62 9.87 -4.89
C ALA A 75 6.24 11.20 -5.37
N PRO A 76 5.43 12.27 -5.52
CA PRO A 76 6.04 13.56 -5.83
C PRO A 76 7.06 14.05 -4.79
N SER A 77 6.85 13.74 -3.51
CA SER A 77 7.78 14.19 -2.46
C SER A 77 9.16 13.53 -2.57
N LEU A 78 9.22 12.40 -3.25
CA LEU A 78 10.49 11.69 -3.44
C LEU A 78 11.31 12.22 -4.61
N MET A 79 10.64 12.96 -5.50
CA MET A 79 11.28 13.42 -6.74
C MET A 79 12.55 14.27 -6.54
N PRO A 80 12.51 15.27 -5.63
CA PRO A 80 13.72 16.09 -5.39
C PRO A 80 14.93 15.30 -4.89
N ASP A 81 14.68 14.08 -4.38
CA ASP A 81 15.71 13.25 -3.77
C ASP A 81 16.22 12.13 -4.69
N ALA A 82 15.75 12.11 -5.94
CA ALA A 82 16.16 11.08 -6.89
C ALA A 82 17.67 11.14 -7.16
N LEU A 83 18.28 9.98 -7.31
CA LEU A 83 19.71 9.89 -7.61
C LEU A 83 20.00 10.04 -9.10
N THR A 84 19.03 9.67 -9.93
CA THR A 84 19.20 9.68 -11.38
C THR A 84 17.96 10.28 -12.06
N PRO A 85 18.12 10.79 -13.32
CA PRO A 85 16.93 11.27 -14.01
C PRO A 85 15.94 10.16 -14.39
N HIS A 86 16.43 8.92 -14.49
CA HIS A 86 15.58 7.77 -14.83
C HIS A 86 14.68 7.40 -13.64
N GLU A 87 15.22 7.57 -12.44
CA GLU A 87 14.44 7.40 -11.22
C GLU A 87 13.32 8.44 -11.15
N GLU A 88 13.62 9.68 -11.51
CA GLU A 88 12.59 10.73 -11.61
C GLU A 88 11.43 10.32 -12.51
N ALA A 89 11.76 9.71 -13.65
CA ALA A 89 10.76 9.24 -14.60
C ALA A 89 9.96 8.06 -14.03
N VAL A 90 10.64 7.13 -13.37
CA VAL A 90 9.96 6.01 -12.69
C VAL A 90 8.97 6.57 -11.65
N LEU A 91 9.41 7.58 -10.90
CA LEU A 91 8.53 8.21 -9.90
C LEU A 91 7.26 8.84 -10.51
N SER A 92 7.39 9.35 -11.74
N SER A 92 7.37 9.34 -11.75
CA SER A 92 6.23 9.89 -12.47
CA SER A 92 6.20 9.90 -12.44
C SER A 92 5.23 8.79 -12.81
C SER A 92 5.22 8.80 -12.83
N ASN A 93 5.74 7.62 -13.17
CA ASN A 93 4.89 6.46 -13.42
C ASN A 93 4.21 6.00 -12.12
N ILE A 94 4.98 5.92 -11.04
CA ILE A 94 4.44 5.52 -9.73
C ILE A 94 3.32 6.45 -9.32
N SER A 95 3.56 7.77 -9.41
CA SER A 95 2.52 8.75 -9.09
C SER A 95 1.23 8.55 -9.92
N PHE A 96 1.38 8.36 -11.23
CA PHE A 96 0.24 8.12 -12.10
C PHE A 96 -0.51 6.82 -11.75
N MET A 97 0.23 5.75 -11.50
CA MET A 97 -0.43 4.48 -11.19
C MET A 97 -1.17 4.52 -9.85
N GLU A 98 -0.68 5.33 -8.92
CA GLU A 98 -1.44 5.61 -7.67
C GLU A 98 -2.79 6.26 -7.96
N ALA A 99 -2.84 7.17 -8.93
CA ALA A 99 -4.11 7.76 -9.36
C ALA A 99 -5.03 6.69 -9.98
N VAL A 100 -4.47 5.78 -10.78
CA VAL A 100 -5.22 4.63 -11.30
C VAL A 100 -5.77 3.76 -10.15
N HIS A 101 -4.91 3.46 -9.17
CA HIS A 101 -5.38 2.72 -7.98
C HIS A 101 -6.58 3.40 -7.32
N ALA A 102 -6.42 4.68 -6.97
CA ALA A 102 -7.49 5.45 -6.35
C ALA A 102 -8.77 5.41 -7.18
N ARG A 103 -8.62 5.65 -8.49
CA ARG A 103 -9.76 5.65 -9.40
C ARG A 103 -10.51 4.32 -9.40
N SER A 104 -9.77 3.22 -9.29
CA SER A 104 -10.36 1.88 -9.40
CA SER A 104 -10.34 1.86 -9.38
C SER A 104 -11.37 1.58 -8.28
N TYR A 105 -11.16 2.17 -7.10
CA TYR A 105 -12.14 2.03 -6.01
C TYR A 105 -13.48 2.66 -6.35
N SER A 106 -13.45 3.81 -7.04
CA SER A 106 -14.68 4.40 -7.57
C SER A 106 -15.34 3.49 -8.61
N SER A 107 -14.55 2.78 -9.42
CA SER A 107 -15.11 1.83 -10.42
C SER A 107 -15.87 0.70 -9.72
N ILE A 108 -15.32 0.23 -8.60
CA ILE A 108 -15.97 -0.81 -7.79
C ILE A 108 -17.27 -0.29 -7.18
N PHE A 109 -17.21 0.87 -6.52
CA PHE A 109 -18.40 1.51 -5.93
C PHE A 109 -19.53 1.71 -6.94
N SER A 110 -19.18 2.23 -8.12
CA SER A 110 -20.15 2.49 -9.17
C SER A 110 -20.81 1.21 -9.67
N THR A 111 -20.02 0.14 -9.79
CA THR A 111 -20.52 -1.13 -10.30
C THR A 111 -21.39 -1.87 -9.29
N LEU A 112 -20.95 -1.92 -8.03
CA LEU A 112 -21.54 -2.82 -7.05
C LEU A 112 -22.44 -2.19 -5.99
N CYS A 113 -22.22 -0.92 -5.70
CA CYS A 113 -22.75 -0.32 -4.48
C CYS A 113 -23.82 0.75 -4.68
N GLN A 114 -24.64 0.95 -3.66
CA GLN A 114 -25.58 2.08 -3.65
C GLN A 114 -24.88 3.35 -3.19
N THR A 115 -25.14 4.46 -3.90
CA THR A 115 -24.45 5.73 -3.64
C THR A 115 -24.60 6.19 -2.18
N LYS A 116 -25.79 6.01 -1.60
CA LYS A 116 -26.00 6.41 -0.20
C LYS A 116 -25.06 5.69 0.75
N ASP A 117 -24.76 4.42 0.44
CA ASP A 117 -23.87 3.61 1.25
C ASP A 117 -22.41 3.98 1.01
N VAL A 118 -22.08 4.31 -0.23
CA VAL A 118 -20.71 4.71 -0.57
C VAL A 118 -20.39 6.04 0.13
N ASP A 119 -21.32 6.99 0.05
CA ASP A 119 -21.15 8.29 0.71
C ASP A 119 -20.98 8.17 2.23
N ALA A 120 -21.78 7.28 2.85
CA ALA A 120 -21.61 6.97 4.26
C ALA A 120 -20.21 6.46 4.56
N ALA A 121 -19.67 5.58 3.70
CA ALA A 121 -18.33 5.04 3.90
C ALA A 121 -17.23 6.10 3.77
N TYR A 122 -17.36 6.98 2.77
CA TYR A 122 -16.45 8.12 2.65
C TYR A 122 -16.48 8.99 3.92
N ALA A 123 -17.68 9.28 4.41
CA ALA A 123 -17.83 10.07 5.64
C ALA A 123 -17.18 9.39 6.85
N TRP A 124 -17.33 8.06 6.92
CA TRP A 124 -16.77 7.25 8.01
C TRP A 124 -15.25 7.36 8.03
N SER A 125 -14.65 7.25 6.85
CA SER A 125 -13.21 7.42 6.68
C SER A 125 -12.68 8.79 7.10
N GLU A 126 -13.43 9.85 6.85
CA GLU A 126 -13.06 11.21 7.30
C GLU A 126 -13.04 11.32 8.82
N GLU A 127 -13.90 10.55 9.48
CA GLU A 127 -14.04 10.61 10.94
C GLU A 127 -13.23 9.55 11.68
N ASN A 128 -12.73 8.55 10.96
CA ASN A 128 -12.03 7.46 11.61
C ASN A 128 -10.66 7.86 12.12
N ALA A 129 -10.48 7.74 13.43
CA ALA A 129 -9.29 8.26 14.11
C ALA A 129 -8.00 7.54 13.69
N PRO A 130 -7.99 6.19 13.78
CA PRO A 130 -6.80 5.46 13.35
C PRO A 130 -6.44 5.66 11.87
N LEU A 131 -7.44 5.76 11.00
CA LEU A 131 -7.17 6.04 9.58
C LEU A 131 -6.55 7.41 9.39
N GLN A 132 -7.12 8.41 10.05
CA GLN A 132 -6.59 9.78 9.94
C GLN A 132 -5.20 9.90 10.58
N ARG A 133 -4.96 9.13 11.64
CA ARG A 133 -3.65 9.10 12.28
C ARG A 133 -2.54 8.55 11.35
N LYS A 134 -2.81 7.41 10.69
CA LYS A 134 -1.77 6.87 9.80
C LYS A 134 -1.50 7.80 8.62
N ALA A 135 -2.55 8.43 8.07
CA ALA A 135 -2.39 9.42 7.00
C ALA A 135 -1.54 10.60 7.49
N GLN A 136 -1.85 11.10 8.68
CA GLN A 136 -1.11 12.19 9.31
C GLN A 136 0.38 11.88 9.52
N ILE A 137 0.66 10.70 10.07
CA ILE A 137 2.05 10.30 10.37
C ILE A 137 2.91 10.24 9.10
N ILE A 138 2.37 9.62 8.06
CA ILE A 138 3.08 9.51 6.80
C ILE A 138 3.27 10.89 6.13
N GLN A 139 2.20 11.69 6.09
CA GLN A 139 2.26 13.06 5.55
C GLN A 139 3.34 13.92 6.20
N GLN A 140 3.46 13.81 7.53
CA GLN A 140 4.42 14.58 8.30
C GLN A 140 5.84 14.32 7.79
N HIS A 141 6.15 13.06 7.51
CA HIS A 141 7.46 12.71 6.98
C HIS A 141 7.66 13.14 5.53
N TYR A 142 6.60 13.01 4.72
CA TYR A 142 6.63 13.49 3.32
C TYR A 142 6.88 15.00 3.22
N ARG A 143 6.36 15.74 4.21
CA ARG A 143 6.48 17.20 4.24
C ARG A 143 7.74 17.67 4.97
N GLY A 144 8.46 16.72 5.59
CA GLY A 144 9.66 17.01 6.36
C GLY A 144 10.88 17.30 5.49
N ASP A 145 12.02 17.56 6.12
N ASP A 145 12.00 17.58 6.15
CA ASP A 145 13.23 17.93 5.39
CA ASP A 145 13.25 17.93 5.50
C ASP A 145 14.22 16.76 5.25
C ASP A 145 14.31 16.85 5.68
N ASP A 146 13.85 15.60 5.79
CA ASP A 146 14.73 14.44 5.87
C ASP A 146 14.36 13.43 4.76
N PRO A 147 15.16 13.38 3.68
CA PRO A 147 14.85 12.52 2.52
C PRO A 147 14.81 11.02 2.84
N LEU A 148 15.59 10.61 3.84
CA LEU A 148 15.67 9.20 4.18
C LEU A 148 14.44 8.75 4.98
N LYS A 149 13.95 9.63 5.85
CA LYS A 149 12.72 9.35 6.60
C LYS A 149 11.50 9.34 5.69
N LYS A 150 11.50 10.13 4.62
CA LYS A 150 10.44 10.08 3.60
C LYS A 150 10.37 8.70 2.96
N LYS A 151 11.53 8.15 2.62
CA LYS A 151 11.58 6.83 1.98
C LYS A 151 11.14 5.71 2.91
N ILE A 152 11.52 5.78 4.19
CA ILE A 152 11.04 4.80 5.18
C ILE A 152 9.52 4.83 5.26
N ALA A 153 8.96 6.03 5.42
CA ALA A 153 7.51 6.22 5.50
C ALA A 153 6.79 5.71 4.24
N SER A 154 7.40 5.97 3.08
CA SER A 154 6.85 5.49 1.83
C SER A 154 6.81 3.96 1.74
N VAL A 155 7.88 3.31 2.16
CA VAL A 155 7.94 1.84 2.12
C VAL A 155 6.91 1.28 3.10
N PHE A 156 6.75 1.93 4.26
CA PHE A 156 5.73 1.49 5.21
C PHE A 156 4.32 1.66 4.66
N LEU A 157 4.08 2.73 3.91
CA LEU A 157 2.81 2.91 3.24
C LEU A 157 2.59 1.81 2.18
N GLU A 158 3.57 1.60 1.30
CA GLU A 158 3.45 0.68 0.17
C GLU A 158 3.43 -0.81 0.57
N SER A 159 4.17 -1.15 1.62
CA SER A 159 4.39 -2.56 1.96
C SER A 159 3.70 -3.00 3.26
N PHE A 160 3.03 -2.08 3.95
CA PHE A 160 2.37 -2.41 5.21
C PHE A 160 0.99 -1.78 5.39
N LEU A 161 0.88 -0.47 5.20
CA LEU A 161 -0.36 0.23 5.59
C LEU A 161 -1.63 -0.11 4.77
N PHE A 162 -1.46 -0.70 3.58
CA PHE A 162 -2.61 -1.12 2.77
C PHE A 162 -3.19 -2.46 3.20
N TYR A 163 -2.41 -3.26 3.91
CA TYR A 163 -2.69 -4.69 3.99
C TYR A 163 -3.83 -5.09 4.94
N SER A 164 -4.15 -4.25 5.93
CA SER A 164 -5.38 -4.50 6.72
C SER A 164 -6.62 -4.46 5.82
N GLY A 165 -6.53 -3.66 4.76
CA GLY A 165 -7.59 -3.54 3.76
C GLY A 165 -7.55 -4.61 2.69
N PHE A 166 -6.36 -4.85 2.13
CA PHE A 166 -6.17 -5.87 1.09
C PHE A 166 -6.59 -7.27 1.56
N TRP A 167 -6.48 -7.53 2.86
CA TRP A 167 -6.88 -8.82 3.40
C TRP A 167 -8.29 -9.24 2.95
N LEU A 168 -9.23 -8.31 3.02
CA LEU A 168 -10.64 -8.62 2.83
C LEU A 168 -11.00 -9.17 1.44
N PRO A 169 -10.61 -8.48 0.35
CA PRO A 169 -10.93 -9.08 -0.95
C PRO A 169 -10.22 -10.40 -1.20
N MET A 170 -9.05 -10.58 -0.58
CA MET A 170 -8.33 -11.86 -0.68
C MET A 170 -9.12 -12.96 0.03
N TYR A 171 -9.65 -12.63 1.20
CA TYR A 171 -10.49 -13.58 1.94
C TYR A 171 -11.72 -13.97 1.11
N PHE A 172 -12.46 -12.97 0.62
CA PHE A 172 -13.65 -13.25 -0.19
C PHE A 172 -13.29 -14.14 -1.37
N SER A 173 -12.17 -13.82 -2.02
CA SER A 173 -11.65 -14.59 -3.16
C SER A 173 -11.47 -16.07 -2.80
N SER A 174 -10.88 -16.32 -1.63
CA SER A 174 -10.67 -17.68 -1.14
C SER A 174 -11.99 -18.43 -0.94
N ARG A 175 -13.08 -17.68 -0.78
CA ARG A 175 -14.42 -18.27 -0.63
C ARG A 175 -15.19 -18.30 -1.95
N GLY A 176 -14.52 -17.93 -3.04
CA GLY A 176 -15.15 -17.86 -4.36
C GLY A 176 -16.10 -16.68 -4.56
N LYS A 177 -15.90 -15.60 -3.80
CA LYS A 177 -16.76 -14.40 -3.89
C LYS A 177 -15.95 -13.15 -4.23
N LEU A 178 -16.58 -12.24 -4.98
CA LEU A 178 -15.92 -11.00 -5.42
C LEU A 178 -14.57 -11.28 -6.09
N THR A 179 -14.54 -12.31 -6.92
CA THR A 179 -13.30 -12.79 -7.56
C THR A 179 -12.74 -11.79 -8.57
N ASN A 180 -13.60 -11.01 -9.20
CA ASN A 180 -13.15 -9.98 -10.14
C ASN A 180 -12.58 -8.77 -9.42
N THR A 181 -13.24 -8.34 -8.35
CA THR A 181 -12.69 -7.33 -7.47
C THR A 181 -11.31 -7.77 -6.96
N ALA A 182 -11.20 -9.03 -6.54
CA ALA A 182 -9.92 -9.56 -6.06
C ALA A 182 -8.82 -9.53 -7.14
N ASP A 183 -9.19 -9.86 -8.37
CA ASP A 183 -8.28 -9.76 -9.53
C ASP A 183 -7.77 -8.32 -9.67
N LEU A 184 -8.67 -7.35 -9.53
CA LEU A 184 -8.30 -5.92 -9.54
C LEU A 184 -7.34 -5.58 -8.40
N ILE A 185 -7.67 -6.05 -7.19
CA ILE A 185 -6.82 -5.80 -6.03
C ILE A 185 -5.44 -6.43 -6.22
N ARG A 186 -5.38 -7.59 -6.85
CA ARG A 186 -4.09 -8.23 -7.14
C ARG A 186 -3.23 -7.38 -8.09
N LEU A 187 -3.88 -6.70 -9.03
CA LEU A 187 -3.19 -5.75 -9.92
C LEU A 187 -2.61 -4.57 -9.13
N ILE A 188 -3.39 -4.04 -8.19
CA ILE A 188 -2.91 -2.98 -7.31
C ILE A 188 -1.70 -3.49 -6.51
N ILE A 189 -1.83 -4.68 -5.93
CA ILE A 189 -0.74 -5.26 -5.11
C ILE A 189 0.52 -5.50 -5.94
N ARG A 190 0.34 -5.97 -7.18
CA ARG A 190 1.46 -6.17 -8.09
C ARG A 190 2.28 -4.85 -8.25
N ASP A 191 1.59 -3.72 -8.31
CA ASP A 191 2.26 -2.41 -8.33
C ASP A 191 2.89 -2.06 -6.99
N GLU A 192 2.09 -2.09 -5.93
CA GLU A 192 2.59 -1.70 -4.59
C GLU A 192 3.84 -2.48 -4.17
N ALA A 193 3.89 -3.78 -4.48
CA ALA A 193 5.04 -4.59 -4.11
C ALA A 193 6.32 -4.15 -4.80
N VAL A 194 6.24 -3.79 -6.08
CA VAL A 194 7.39 -3.23 -6.80
C VAL A 194 7.75 -1.84 -6.28
N HIS A 195 6.73 -1.00 -6.02
CA HIS A 195 6.97 0.33 -5.47
C HIS A 195 7.76 0.28 -4.16
N GLY A 196 7.31 -0.57 -3.24
CA GLY A 196 7.98 -0.75 -1.95
C GLY A 196 9.38 -1.30 -2.09
N TYR A 197 9.55 -2.25 -3.00
CA TYR A 197 10.87 -2.81 -3.30
C TYR A 197 11.83 -1.75 -3.85
N TYR A 198 11.34 -0.97 -4.81
CA TYR A 198 12.17 0.03 -5.48
C TYR A 198 12.57 1.19 -4.58
N ILE A 199 11.61 1.75 -3.86
CA ILE A 199 11.88 2.85 -2.93
C ILE A 199 12.78 2.37 -1.79
N GLY A 200 12.56 1.13 -1.35
CA GLY A 200 13.40 0.49 -0.34
C GLY A 200 14.82 0.33 -0.85
N TYR A 201 14.94 -0.08 -2.11
CA TYR A 201 16.25 -0.19 -2.77
C TYR A 201 16.97 1.17 -2.79
N LYS A 202 16.23 2.22 -3.14
CA LYS A 202 16.78 3.59 -3.20
C LYS A 202 17.17 4.13 -1.83
N TYR A 203 16.36 3.81 -0.81
CA TYR A 203 16.73 4.08 0.57
C TYR A 203 18.11 3.52 0.88
N GLN A 204 18.30 2.24 0.58
CA GLN A 204 19.58 1.57 0.85
C GLN A 204 20.73 2.18 0.06
N LYS A 205 20.47 2.57 -1.19
CA LYS A 205 21.48 3.21 -2.02
C LYS A 205 21.92 4.53 -1.41
N ASN A 206 20.96 5.32 -0.93
CA ASN A 206 21.26 6.60 -0.30
C ASN A 206 21.99 6.44 1.03
N MET A 207 21.68 5.36 1.75
CA MET A 207 22.33 5.06 3.04
C MET A 207 23.81 4.78 2.91
N GLU A 208 24.22 4.33 1.72
CA GLU A 208 25.65 4.07 1.46
C GLU A 208 26.51 5.31 1.68
N LYS A 209 25.92 6.49 1.47
CA LYS A 209 26.65 7.75 1.57
C LYS A 209 26.75 8.35 2.97
N ILE A 210 25.90 7.91 3.90
CA ILE A 210 25.77 8.60 5.18
C ILE A 210 26.61 7.97 6.29
N SER A 211 26.81 8.72 7.38
CA SER A 211 27.65 8.29 8.51
C SER A 211 27.12 7.06 9.23
N LEU A 212 28.02 6.39 9.95
CA LEU A 212 27.68 5.23 10.76
C LEU A 212 26.66 5.59 11.85
N GLY A 213 26.82 6.78 12.43
CA GLY A 213 25.90 7.27 13.47
C GLY A 213 24.49 7.50 12.94
N GLN A 214 24.37 8.14 11.77
CA GLN A 214 23.06 8.42 11.21
C GLN A 214 22.35 7.13 10.76
N ARG A 215 23.12 6.16 10.26
CA ARG A 215 22.57 4.84 9.91
C ARG A 215 21.88 4.21 11.12
N GLU A 216 22.54 4.28 12.27
CA GLU A 216 21.97 3.76 13.52
C GLU A 216 20.75 4.53 13.99
N GLU A 217 20.79 5.86 13.87
CA GLU A 217 19.64 6.71 14.21
C GLU A 217 18.43 6.35 13.35
N LEU A 218 18.67 6.13 12.05
CA LEU A 218 17.60 5.79 11.11
C LEU A 218 17.01 4.40 11.32
N LYS A 219 17.87 3.41 11.61
CA LYS A 219 17.40 2.05 11.92
C LYS A 219 16.47 2.07 13.15
N SER A 220 16.89 2.80 14.18
N SER A 220 16.88 2.80 14.19
CA SER A 220 16.09 2.96 15.40
CA SER A 220 16.06 2.95 15.39
C SER A 220 14.77 3.68 15.09
C SER A 220 14.76 3.68 15.09
N PHE A 221 14.85 4.74 14.29
CA PHE A 221 13.68 5.48 13.84
C PHE A 221 12.72 4.56 13.05
N ALA A 222 13.26 3.75 12.15
CA ALA A 222 12.44 2.87 11.31
C ALA A 222 11.64 1.87 12.16
N PHE A 223 12.32 1.28 13.14
CA PHE A 223 11.69 0.33 14.06
C PHE A 223 10.64 0.99 14.96
N ASP A 224 10.97 2.16 15.52
CA ASP A 224 10.01 2.89 16.36
C ASP A 224 8.77 3.32 15.58
N LEU A 225 8.98 3.84 14.36
CA LEU A 225 7.86 4.23 13.52
C LEU A 225 6.96 3.04 13.17
N LEU A 226 7.57 1.92 12.80
CA LEU A 226 6.80 0.75 12.44
C LEU A 226 5.98 0.26 13.62
N LEU A 227 6.57 0.27 14.80
CA LEU A 227 5.86 -0.15 16.01
C LEU A 227 4.67 0.75 16.32
N GLU A 228 4.85 2.06 16.13
CA GLU A 228 3.77 3.04 16.31
C GLU A 228 2.64 2.85 15.28
N LEU A 229 3.01 2.69 14.00
CA LEU A 229 2.01 2.43 12.95
C LEU A 229 1.31 1.10 13.17
N TYR A 230 2.07 0.11 13.65
CA TYR A 230 1.50 -1.19 13.96
C TYR A 230 0.42 -1.12 15.05
N ASP A 231 0.73 -0.45 16.16
CA ASP A 231 -0.22 -0.27 17.28
C ASP A 231 -1.49 0.42 16.80
N ASN A 232 -1.31 1.52 16.04
CA ASN A 232 -2.42 2.23 15.42
C ASN A 232 -3.22 1.32 14.47
N GLU A 233 -2.53 0.48 13.71
CA GLU A 233 -3.19 -0.39 12.74
C GLU A 233 -4.03 -1.48 13.41
N LEU A 234 -3.57 -1.96 14.57
CA LEU A 234 -4.37 -2.91 15.38
C LEU A 234 -5.69 -2.28 15.78
N GLN A 235 -5.65 -1.01 16.19
N GLN A 235 -5.66 -1.01 16.18
CA GLN A 235 -6.86 -0.27 16.55
CA GLN A 235 -6.87 -0.27 16.56
C GLN A 235 -7.78 -0.08 15.34
C GLN A 235 -7.78 -0.05 15.35
N TYR A 236 -7.19 0.32 14.21
CA TYR A 236 -7.95 0.46 12.95
C TYR A 236 -8.65 -0.85 12.58
N THR A 237 -7.91 -1.97 12.72
CA THR A 237 -8.43 -3.31 12.44
C THR A 237 -9.59 -3.69 13.36
N ASP A 238 -9.41 -3.45 14.66
CA ASP A 238 -10.48 -3.69 15.63
C ASP A 238 -11.76 -2.92 15.28
N GLU A 239 -11.61 -1.66 14.90
CA GLU A 239 -12.77 -0.82 14.53
C GLU A 239 -13.44 -1.23 13.22
N LEU A 240 -12.65 -1.73 12.25
CA LEU A 240 -13.20 -2.23 10.99
C LEU A 240 -13.87 -3.58 11.13
N TYR A 241 -13.17 -4.52 11.76
CA TYR A 241 -13.53 -5.93 11.71
C TYR A 241 -14.30 -6.44 12.95
N ALA A 242 -14.79 -5.51 13.76
CA ALA A 242 -15.43 -5.81 15.06
C ALA A 242 -16.60 -6.81 15.00
N GLU A 243 -17.45 -6.68 13.99
CA GLU A 243 -18.62 -7.55 13.88
C GLU A 243 -18.35 -8.80 13.03
N THR A 244 -17.08 -9.19 12.94
CA THR A 244 -16.68 -10.37 12.19
C THR A 244 -15.78 -11.24 13.07
N PRO A 245 -15.49 -12.48 12.63
CA PRO A 245 -14.51 -13.23 13.41
C PRO A 245 -13.10 -13.15 12.83
N TRP A 246 -12.82 -12.10 12.05
CA TRP A 246 -11.62 -12.07 11.23
C TRP A 246 -10.43 -11.27 11.77
N ALA A 247 -10.64 -10.53 12.87
CA ALA A 247 -9.61 -9.60 13.38
C ALA A 247 -8.23 -10.24 13.61
N ASP A 248 -8.21 -11.44 14.18
CA ASP A 248 -6.95 -12.15 14.44
C ASP A 248 -6.20 -12.53 13.16
N ASP A 249 -6.95 -12.98 12.15
N ASP A 249 -6.94 -12.97 12.14
CA ASP A 249 -6.40 -13.32 10.84
CA ASP A 249 -6.34 -13.31 10.85
C ASP A 249 -5.77 -12.09 10.17
C ASP A 249 -5.76 -12.08 10.15
N VAL A 250 -6.48 -10.96 10.22
CA VAL A 250 -6.00 -9.69 9.65
C VAL A 250 -4.70 -9.27 10.36
N LYS A 251 -4.71 -9.34 11.69
CA LYS A 251 -3.53 -9.00 12.48
C LYS A 251 -2.27 -9.80 12.10
N ALA A 252 -2.42 -11.11 11.91
CA ALA A 252 -1.31 -11.95 11.48
C ALA A 252 -0.81 -11.52 10.10
N PHE A 253 -1.75 -11.17 9.22
CA PHE A 253 -1.43 -10.67 7.89
C PHE A 253 -0.65 -9.36 7.98
N LEU A 254 -0.99 -8.52 8.96
CA LEU A 254 -0.25 -7.27 9.20
C LEU A 254 1.20 -7.56 9.57
N CYS A 255 1.42 -8.49 10.49
CA CYS A 255 2.76 -8.85 10.94
C CYS A 255 3.60 -9.39 9.80
N TYR A 256 3.00 -10.28 9.01
CA TYR A 256 3.61 -10.83 7.81
C TYR A 256 4.10 -9.74 6.86
N ASN A 257 3.24 -8.76 6.58
CA ASN A 257 3.60 -7.66 5.68
C ASN A 257 4.53 -6.61 6.30
N ALA A 258 4.43 -6.43 7.62
CA ALA A 258 5.39 -5.57 8.32
C ALA A 258 6.81 -6.09 8.12
N ASN A 259 7.00 -7.40 8.23
CA ASN A 259 8.31 -8.01 8.00
C ASN A 259 8.84 -7.80 6.58
N LYS A 260 7.94 -7.84 5.61
CA LYS A 260 8.29 -7.55 4.21
C LYS A 260 8.67 -6.09 4.00
N ALA A 261 7.93 -5.17 4.62
CA ALA A 261 8.30 -3.74 4.55
C ALA A 261 9.73 -3.53 5.08
N LEU A 262 10.03 -4.14 6.23
CA LEU A 262 11.37 -4.06 6.81
C LEU A 262 12.45 -4.65 5.89
N MET A 263 12.19 -5.80 5.28
N MET A 263 12.15 -5.80 5.30
CA MET A 263 13.16 -6.40 4.36
CA MET A 263 13.04 -6.46 4.34
C MET A 263 13.41 -5.53 3.14
C MET A 263 13.38 -5.55 3.16
N ASN A 264 12.38 -4.83 2.67
CA ASN A 264 12.55 -3.88 1.56
C ASN A 264 13.54 -2.75 1.90
N LEU A 265 13.57 -2.35 3.16
CA LEU A 265 14.55 -1.38 3.67
C LEU A 265 15.89 -2.01 4.04
N GLY A 266 15.98 -3.32 3.99
CA GLY A 266 17.22 -4.05 4.29
C GLY A 266 17.37 -4.44 5.75
N TYR A 267 16.27 -4.38 6.50
CA TYR A 267 16.29 -4.73 7.92
C TYR A 267 15.71 -6.12 8.20
N GLU A 268 16.11 -6.69 9.33
CA GLU A 268 15.62 -7.98 9.80
C GLU A 268 14.17 -7.90 10.24
N PRO A 269 13.45 -9.04 10.20
CA PRO A 269 12.06 -9.08 10.67
C PRO A 269 11.91 -8.72 12.15
N LEU A 270 10.81 -8.05 12.46
CA LEU A 270 10.46 -7.67 13.82
C LEU A 270 9.56 -8.72 14.46
N PHE A 271 8.65 -9.26 13.65
CA PHE A 271 7.61 -10.14 14.15
C PHE A 271 8.00 -11.60 13.97
N PRO A 272 7.93 -12.40 15.04
CA PRO A 272 8.29 -13.83 14.97
C PRO A 272 7.24 -14.62 14.18
N ALA A 273 7.62 -15.80 13.72
CA ALA A 273 6.72 -16.64 12.92
C ALA A 273 5.37 -16.90 13.61
N GLU A 274 5.38 -17.00 14.93
CA GLU A 274 4.14 -17.24 15.71
C GLU A 274 3.08 -16.14 15.50
N MET A 275 3.54 -14.92 15.20
CA MET A 275 2.64 -13.77 15.03
C MET A 275 2.30 -13.52 13.56
N ALA A 276 3.11 -14.06 12.65
CA ALA A 276 3.01 -13.74 11.23
C ALA A 276 2.49 -14.92 10.40
N GLU A 277 1.86 -15.88 11.08
CA GLU A 277 1.33 -17.06 10.43
C GLU A 277 0.05 -16.73 9.68
N VAL A 278 0.10 -16.79 8.36
CA VAL A 278 -1.06 -16.45 7.53
C VAL A 278 -1.68 -17.72 7.00
N ASN A 279 -3.00 -17.84 7.15
CA ASN A 279 -3.77 -18.96 6.62
C ASN A 279 -3.43 -19.24 5.15
N PRO A 280 -3.09 -20.50 4.82
CA PRO A 280 -2.73 -20.90 3.45
C PRO A 280 -3.74 -20.49 2.35
N ALA A 281 -5.01 -20.34 2.70
CA ALA A 281 -6.01 -19.92 1.71
C ALA A 281 -5.83 -18.45 1.31
N ILE A 282 -5.45 -17.61 2.27
CA ILE A 282 -5.14 -16.19 2.02
C ILE A 282 -3.91 -16.06 1.12
N LEU A 283 -2.85 -16.80 1.47
CA LEU A 283 -1.63 -16.85 0.67
C LEU A 283 -1.89 -17.32 -0.76
N ALA A 284 -2.71 -18.35 -0.90
CA ALA A 284 -3.07 -18.87 -2.22
C ALA A 284 -3.86 -17.85 -3.05
N ALA A 285 -4.77 -17.12 -2.39
CA ALA A 285 -5.56 -16.09 -3.06
C ALA A 285 -4.66 -14.94 -3.53
N LEU A 286 -3.59 -14.70 -2.77
CA LEU A 286 -2.63 -13.66 -3.08
C LEU A 286 -1.88 -13.97 -4.38
N SER A 287 -1.66 -15.26 -4.64
CA SER A 287 -1.02 -15.69 -5.90
C SER A 287 -2.04 -16.00 -7.00
FE FE2 B . -1.58 2.41 -4.81
FE FE2 C . 2.40 2.50 -4.59
#